data_2W18
#
_entry.id   2W18
#
_cell.length_a   80.780
_cell.length_b   64.650
_cell.length_c   77.250
_cell.angle_alpha   90.00
_cell.angle_beta   109.65
_cell.angle_gamma   90.00
#
_symmetry.space_group_name_H-M   'C 1 2 1'
#
loop_
_entity.id
_entity.type
_entity.pdbx_description
1 polymer 'PARTNER AND LOCALIZER OF BRCA2'
2 non-polymer GLYCEROL
3 water water
#
_entity_poly.entity_id   1
_entity_poly.type   'polypeptide(L)'
_entity_poly.pdbx_seq_one_letter_code
;GPHMSVEQTETAELPASDSINPGNLQLVSELKNPSGSCSVDVSAMFWERAGCKEPCIITACEDVVSLWKALDAWQWEKLY
TWHFAEVPVLQIVPVPDVYNLVCVALGNLEIREIRALFCSSDDESEKQVLLKSGNIKAVLGLTKRRLVSSSGTLSDQQVE
VMTFAEDGGGKENQFLMPPEETILTFAEVQGMQEALLGTTIMNNIVIWNLKTGQLLKKMHIDDSYQASVCHKAYSEMGLL
FIVLSHPCAKESESLRSPVFQLIVINPKTTLSVGVMLYCLPPGQAGRFLEGDVKDHCAAAILTSGTIAIWDLLLGQCTAL
LPPVSDQHWSFVKWSGTDSHLLAGQKDGNIFVYHYS
;
_entity_poly.pdbx_strand_id   A
#
loop_
_chem_comp.id
_chem_comp.type
_chem_comp.name
_chem_comp.formula
GOL non-polymer GLYCEROL 'C3 H8 O3'
#
# COMPACT_ATOMS: atom_id res chain seq x y z
N ASN A 24 -9.38 -15.96 -13.09
CA ASN A 24 -8.64 -14.95 -13.84
C ASN A 24 -9.37 -13.59 -13.86
N LEU A 25 -9.13 -12.80 -14.91
CA LEU A 25 -9.51 -11.37 -14.93
C LEU A 25 -10.54 -10.97 -16.00
N GLN A 26 -11.68 -10.42 -15.57
CA GLN A 26 -12.69 -9.88 -16.49
C GLN A 26 -12.91 -8.39 -16.24
N LEU A 27 -12.67 -7.56 -17.26
CA LEU A 27 -12.91 -6.12 -17.18
C LEU A 27 -14.37 -5.84 -16.93
N VAL A 28 -14.71 -5.11 -15.86
CA VAL A 28 -16.12 -4.95 -15.48
C VAL A 28 -16.58 -3.47 -15.40
N SER A 29 -15.63 -2.56 -15.30
CA SER A 29 -15.98 -1.13 -15.19
C SER A 29 -14.75 -0.29 -15.44
N GLU A 30 -14.95 0.99 -15.73
CA GLU A 30 -13.83 1.84 -16.03
C GLU A 30 -14.15 3.30 -15.71
N LEU A 31 -13.11 4.08 -15.47
CA LEU A 31 -13.28 5.43 -14.93
C LEU A 31 -12.33 6.25 -15.75
N LYS A 32 -12.84 7.31 -16.37
CA LYS A 32 -11.96 8.20 -17.11
C LYS A 32 -11.87 9.46 -16.27
N ASN A 33 -10.66 9.89 -16.02
CA ASN A 33 -10.44 10.99 -15.11
C ASN A 33 -9.28 11.78 -15.66
N PRO A 34 -9.55 12.58 -16.71
CA PRO A 34 -8.54 13.38 -17.41
C PRO A 34 -8.38 14.73 -16.73
N SER A 35 -7.28 14.92 -16.03
CA SER A 35 -7.01 16.15 -15.32
C SER A 35 -5.77 16.80 -15.92
N GLY A 36 -5.36 17.93 -15.37
CA GLY A 36 -4.14 18.55 -15.83
C GLY A 36 -2.95 17.66 -15.51
N SER A 37 -3.01 17.02 -14.34
CA SER A 37 -1.84 16.39 -13.74
C SER A 37 -1.76 14.88 -13.87
N CYS A 38 -0.55 14.37 -13.71
CA CYS A 38 -0.30 12.95 -13.76
C CYS A 38 -1.09 12.20 -12.67
N SER A 39 -1.72 11.11 -13.07
CA SER A 39 -2.41 10.22 -12.14
C SER A 39 -1.38 9.33 -11.43
N VAL A 40 -1.51 9.21 -10.11
CA VAL A 40 -0.46 8.56 -9.31
C VAL A 40 -0.94 7.39 -8.43
N ASP A 41 -2.23 7.32 -8.15
CA ASP A 41 -2.71 6.26 -7.29
C ASP A 41 -4.20 6.05 -7.39
N VAL A 42 -4.63 4.90 -6.88
CA VAL A 42 -6.05 4.63 -6.78
C VAL A 42 -6.34 3.76 -5.60
N SER A 43 -7.51 3.93 -5.00
CA SER A 43 -7.87 3.09 -3.89
C SER A 43 -9.37 2.88 -3.87
N ALA A 44 -9.80 1.66 -3.57
CA ALA A 44 -11.21 1.37 -3.34
C ALA A 44 -11.49 1.23 -1.84
N MET A 45 -12.46 1.99 -1.36
CA MET A 45 -12.79 1.96 0.06
C MET A 45 -14.27 2.13 0.19
N PHE A 46 -14.80 1.72 1.33
CA PHE A 46 -16.16 2.07 1.69
C PHE A 46 -16.17 3.49 2.21
N TRP A 47 -17.24 4.22 1.87
CA TRP A 47 -17.47 5.58 2.34
C TRP A 47 -18.87 5.66 2.94
N GLU A 48 -19.01 6.29 4.10
CA GLU A 48 -20.31 6.39 4.75
C GLU A 48 -21.21 7.43 4.07
N LYS A 53 -22.86 3.06 4.24
CA LYS A 53 -21.51 2.73 3.76
C LYS A 53 -21.55 2.09 2.38
N GLU A 54 -20.85 2.71 1.42
CA GLU A 54 -20.92 2.30 0.03
C GLU A 54 -19.56 2.26 -0.64
N PRO A 55 -19.33 1.29 -1.51
CA PRO A 55 -18.02 1.12 -2.14
C PRO A 55 -17.69 2.29 -3.04
N CYS A 56 -16.56 2.93 -2.82
CA CYS A 56 -16.16 4.02 -3.70
CA CYS A 56 -16.16 4.03 -3.70
C CYS A 56 -14.76 3.83 -4.20
N ILE A 57 -14.37 4.64 -5.16
CA ILE A 57 -13.00 4.65 -5.63
C ILE A 57 -12.48 6.05 -5.34
N ILE A 58 -11.25 6.13 -4.86
CA ILE A 58 -10.52 7.36 -4.75
C ILE A 58 -9.46 7.42 -5.80
N THR A 59 -9.39 8.51 -6.56
CA THR A 59 -8.29 8.67 -7.48
C THR A 59 -7.36 9.76 -6.99
N ALA A 60 -6.07 9.57 -7.24
CA ALA A 60 -5.09 10.56 -6.88
C ALA A 60 -4.28 10.95 -8.10
N CYS A 61 -4.31 12.24 -8.42
CA CYS A 61 -3.33 12.80 -9.34
C CYS A 61 -2.50 13.78 -8.54
N GLU A 62 -1.39 14.21 -9.11
CA GLU A 62 -0.48 15.13 -8.44
C GLU A 62 -1.20 16.32 -7.81
N ASP A 63 -2.21 16.85 -8.47
CA ASP A 63 -2.80 18.08 -7.96
C ASP A 63 -4.27 17.99 -7.59
N VAL A 64 -4.86 16.80 -7.76
CA VAL A 64 -6.25 16.63 -7.36
C VAL A 64 -6.58 15.20 -6.92
N VAL A 65 -7.44 15.08 -5.92
CA VAL A 65 -7.90 13.80 -5.41
C VAL A 65 -9.42 13.83 -5.50
N SER A 66 -10.03 12.70 -5.91
CA SER A 66 -11.47 12.66 -6.05
C SER A 66 -12.12 11.40 -5.54
N LEU A 67 -13.32 11.55 -4.98
CA LEU A 67 -14.12 10.39 -4.60
C LEU A 67 -15.18 10.08 -5.65
N TRP A 68 -15.28 8.81 -6.04
CA TRP A 68 -16.18 8.36 -7.11
C TRP A 68 -17.08 7.20 -6.64
N LYS A 69 -18.32 7.19 -7.12
CA LYS A 69 -19.30 6.18 -6.79
C LYS A 69 -19.78 5.55 -8.10
N ALA A 70 -20.30 4.33 -8.04
CA ALA A 70 -20.80 3.67 -9.27
C ALA A 70 -22.06 4.36 -9.83
N LEU A 71 -22.03 4.72 -11.11
CA LEU A 71 -23.15 5.38 -11.80
C LEU A 71 -24.07 4.27 -12.33
N ASP A 72 -23.45 3.22 -12.85
CA ASP A 72 -24.21 2.07 -13.31
C ASP A 72 -23.28 0.87 -13.28
N ALA A 73 -23.62 -0.20 -14.00
CA ALA A 73 -22.78 -1.38 -13.97
C ALA A 73 -21.34 -1.18 -14.45
N TRP A 74 -21.07 -0.17 -15.27
CA TRP A 74 -19.69 0.03 -15.68
C TRP A 74 -19.10 1.45 -15.51
N GLN A 75 -19.95 2.42 -15.26
CA GLN A 75 -19.47 3.79 -15.20
C GLN A 75 -19.32 4.30 -13.77
N TRP A 76 -18.45 5.29 -13.59
CA TRP A 76 -18.21 5.93 -12.30
C TRP A 76 -18.48 7.43 -12.38
N GLU A 77 -19.15 7.99 -11.38
CA GLU A 77 -19.32 9.45 -11.33
C GLU A 77 -18.59 10.07 -10.13
N LYS A 78 -17.99 11.23 -10.36
CA LYS A 78 -17.34 12.00 -9.31
C LYS A 78 -18.32 12.54 -8.24
N LEU A 79 -18.00 12.32 -6.98
CA LEU A 79 -18.82 12.83 -5.88
C LEU A 79 -18.17 14.02 -5.14
N TYR A 80 -16.84 14.04 -5.05
CA TYR A 80 -16.10 15.07 -4.30
C TYR A 80 -14.70 15.20 -4.88
N THR A 81 -14.11 16.40 -4.78
CA THR A 81 -12.74 16.64 -5.23
C THR A 81 -12.00 17.50 -4.17
N TRP A 82 -10.73 17.19 -3.91
CA TRP A 82 -9.86 17.99 -3.05
C TRP A 82 -8.70 18.46 -3.91
N HIS A 83 -8.25 19.71 -3.73
CA HIS A 83 -7.19 20.26 -4.56
C HIS A 83 -5.91 20.55 -3.78
N PHE A 84 -4.78 20.50 -4.47
CA PHE A 84 -3.48 20.57 -3.82
C PHE A 84 -2.54 21.45 -4.63
N ALA A 85 -2.33 22.67 -4.14
CA ALA A 85 -1.36 23.56 -4.76
C ALA A 85 -0.07 23.52 -3.97
N GLU A 86 1.04 23.67 -4.69
CA GLU A 86 2.38 23.62 -4.11
C GLU A 86 2.88 22.19 -4.14
N VAL A 87 2.66 21.48 -3.03
CA VAL A 87 3.21 20.13 -2.91
C VAL A 87 2.25 19.11 -3.53
N PRO A 88 2.78 18.30 -4.43
CA PRO A 88 1.98 17.32 -5.19
C PRO A 88 1.63 16.09 -4.37
N VAL A 89 0.49 15.45 -4.66
CA VAL A 89 0.12 14.16 -4.08
C VAL A 89 1.02 13.03 -4.61
N LEU A 90 1.54 12.25 -3.67
CA LEU A 90 2.47 11.15 -3.92
C LEU A 90 1.72 9.82 -3.94
N GLN A 91 0.80 9.63 -2.99
CA GLN A 91 0.08 8.36 -2.92
C GLN A 91 -1.12 8.53 -2.03
N ILE A 92 -2.04 7.60 -2.15
CA ILE A 92 -3.13 7.45 -1.18
C ILE A 92 -2.59 6.57 -0.05
N VAL A 93 -3.07 6.80 1.17
CA VAL A 93 -2.76 5.91 2.32
C VAL A 93 -4.04 5.32 2.89
N PRO A 94 -4.44 4.13 2.37
CA PRO A 94 -5.67 3.49 2.86
C PRO A 94 -5.52 3.22 4.35
N VAL A 95 -6.61 3.35 5.10
CA VAL A 95 -6.61 3.11 6.52
C VAL A 95 -7.79 2.22 6.82
N PRO A 96 -7.51 1.00 7.26
CA PRO A 96 -8.54 0.03 7.64
C PRO A 96 -9.51 0.62 8.66
N ASP A 97 -10.78 0.33 8.47
CA ASP A 97 -11.82 0.67 9.45
C ASP A 97 -12.15 2.18 9.47
N VAL A 98 -11.60 2.93 8.51
CA VAL A 98 -11.94 4.35 8.40
C VAL A 98 -12.78 4.61 7.15
N TYR A 99 -14.00 5.12 7.33
CA TYR A 99 -14.89 5.34 6.20
C TYR A 99 -15.32 6.80 6.03
N ASN A 100 -14.67 7.71 6.74
CA ASN A 100 -15.09 9.11 6.63
C ASN A 100 -14.00 10.09 6.26
N LEU A 101 -12.88 9.57 5.81
CA LEU A 101 -11.81 10.41 5.32
C LEU A 101 -10.89 9.62 4.42
N VAL A 102 -10.14 10.34 3.61
CA VAL A 102 -9.14 9.77 2.72
C VAL A 102 -7.82 10.34 3.19
N CYS A 103 -6.83 9.49 3.43
CA CYS A 103 -5.49 9.93 3.79
CA CYS A 103 -5.49 9.95 3.78
C CYS A 103 -4.57 9.97 2.57
N VAL A 104 -3.90 11.08 2.36
CA VAL A 104 -2.88 11.14 1.34
C VAL A 104 -1.54 11.61 1.89
N ALA A 105 -0.49 11.22 1.17
CA ALA A 105 0.83 11.68 1.46
C ALA A 105 1.25 12.61 0.33
N LEU A 106 1.85 13.75 0.68
CA LEU A 106 2.31 14.70 -0.35
C LEU A 106 3.81 14.89 -0.35
N GLY A 107 4.40 15.11 -1.53
CA GLY A 107 5.83 15.34 -1.62
C GLY A 107 6.32 15.20 -3.05
N ASN A 108 7.57 15.61 -3.30
CA ASN A 108 8.14 15.50 -4.65
C ASN A 108 8.90 14.21 -4.94
N LEU A 109 9.33 13.52 -3.88
CA LEU A 109 10.13 12.31 -4.00
C LEU A 109 10.03 11.65 -2.65
N GLU A 110 10.34 12.43 -1.60
CA GLU A 110 10.16 12.00 -0.24
C GLU A 110 8.84 12.60 0.26
N ILE A 111 8.22 11.97 1.24
CA ILE A 111 6.99 12.50 1.79
C ILE A 111 7.29 13.72 2.64
N ARG A 112 6.54 14.79 2.41
CA ARG A 112 6.65 15.97 3.27
C ARG A 112 5.44 16.19 4.16
N GLU A 113 4.26 15.76 3.70
CA GLU A 113 3.06 15.97 4.48
C GLU A 113 2.18 14.74 4.42
N ILE A 114 1.35 14.57 5.44
CA ILE A 114 0.28 13.58 5.39
C ILE A 114 -0.99 14.29 5.78
N ARG A 115 -1.97 14.23 4.89
CA ARG A 115 -3.23 14.90 5.13
C ARG A 115 -4.43 13.99 5.19
N ALA A 116 -5.42 14.39 5.98
CA ALA A 116 -6.72 13.72 5.95
C ALA A 116 -7.72 14.59 5.20
N LEU A 117 -8.42 13.97 4.24
CA LEU A 117 -9.37 14.67 3.37
C LEU A 117 -10.81 14.32 3.78
N PHE A 118 -11.63 15.32 4.12
CA PHE A 118 -13.04 15.11 4.54
C PHE A 118 -14.00 15.73 3.54
N CYS A 119 -15.22 15.19 3.42
CA CYS A 119 -16.05 15.48 2.22
C CYS A 119 -16.40 16.95 2.02
N GLU A 126 -11.07 21.29 0.15
CA GLU A 126 -11.03 22.39 1.14
C GLU A 126 -11.07 21.95 2.61
N LYS A 127 -11.69 20.80 2.89
CA LYS A 127 -11.57 20.19 4.22
C LYS A 127 -10.40 19.18 4.21
N GLN A 128 -9.21 19.70 4.44
CA GLN A 128 -8.01 18.91 4.61
C GLN A 128 -7.52 19.23 6.00
N VAL A 129 -7.06 18.21 6.71
CA VAL A 129 -6.37 18.42 7.98
C VAL A 129 -4.92 17.97 7.80
N LEU A 130 -3.97 18.83 8.15
CA LEU A 130 -2.58 18.38 8.18
C LEU A 130 -2.30 17.50 9.41
N LEU A 131 -1.95 16.24 9.17
CA LEU A 131 -1.68 15.30 10.26
C LEU A 131 -0.21 15.20 10.63
N LYS A 132 0.67 15.17 9.64
CA LYS A 132 2.07 14.99 9.94
C LYS A 132 2.81 15.80 8.92
N SER A 133 3.97 16.29 9.34
CA SER A 133 4.73 17.21 8.51
C SER A 133 6.19 17.00 8.85
N GLY A 134 7.04 16.99 7.84
CA GLY A 134 8.46 16.85 8.07
C GLY A 134 9.12 15.87 7.10
N ASN A 135 10.14 15.18 7.59
CA ASN A 135 10.94 14.31 6.77
C ASN A 135 10.43 12.88 6.94
N ILE A 136 9.32 12.58 6.30
CA ILE A 136 8.65 11.28 6.54
C ILE A 136 9.19 10.19 5.62
N LYS A 137 9.65 9.09 6.21
CA LYS A 137 10.34 8.04 5.44
C LYS A 137 9.44 6.88 4.96
N ALA A 138 8.33 6.66 5.64
CA ALA A 138 7.53 5.46 5.43
C ALA A 138 6.24 5.67 6.19
N VAL A 139 5.15 5.08 5.68
CA VAL A 139 3.82 5.26 6.22
C VAL A 139 2.95 4.06 5.87
N LEU A 140 1.98 3.75 6.72
CA LEU A 140 1.07 2.67 6.43
C LEU A 140 -0.17 2.75 7.30
N GLY A 141 -1.32 2.43 6.72
CA GLY A 141 -2.54 2.35 7.50
C GLY A 141 -2.65 1.00 8.17
N LEU A 142 -3.15 0.99 9.42
CA LEU A 142 -3.29 -0.23 10.18
C LEU A 142 -4.72 -0.45 10.65
N THR A 143 -5.02 -1.71 10.95
CA THR A 143 -6.31 -2.09 11.52
C THR A 143 -6.68 -1.18 12.69
N LYS A 144 -7.98 -0.99 12.90
CA LYS A 144 -8.47 -0.21 14.05
C LYS A 144 -8.14 1.29 13.93
N ARG A 145 -8.22 1.83 12.72
CA ARG A 145 -8.06 3.26 12.44
C ARG A 145 -6.73 3.80 12.89
N ARG A 146 -5.65 3.11 12.57
CA ARG A 146 -4.33 3.61 12.96
C ARG A 146 -3.52 3.90 11.73
N LEU A 147 -2.49 4.72 11.90
CA LEU A 147 -1.61 5.10 10.84
C LEU A 147 -0.23 5.22 11.46
N VAL A 148 0.70 4.43 10.94
CA VAL A 148 2.05 4.46 11.45
C VAL A 148 2.91 5.17 10.42
N SER A 149 3.82 5.99 10.92
CA SER A 149 4.82 6.63 10.07
C SER A 149 6.15 6.65 10.79
N SER A 150 7.22 6.82 10.04
CA SER A 150 8.54 6.97 10.62
C SER A 150 9.23 8.20 10.00
N SER A 151 9.99 8.94 10.81
CA SER A 151 10.80 10.03 10.27
C SER A 151 12.22 9.93 10.82
N GLY A 152 13.15 10.70 10.26
CA GLY A 152 14.53 10.63 10.70
C GLY A 152 15.22 9.36 10.26
N THR A 153 16.47 9.20 10.68
CA THR A 153 17.30 8.15 10.12
C THR A 153 18.06 7.25 11.12
N LEU A 154 18.52 7.82 12.23
CA LEU A 154 19.30 7.01 13.19
C LEU A 154 18.91 7.31 14.62
N SER A 155 19.82 7.97 15.33
CA SER A 155 19.59 8.34 16.72
C SER A 155 18.35 9.22 16.84
N ASP A 156 18.01 9.92 15.76
CA ASP A 156 16.89 10.85 15.76
C ASP A 156 15.62 10.24 15.14
N GLN A 157 15.72 9.03 14.62
CA GLN A 157 14.53 8.35 14.08
C GLN A 157 13.35 8.31 15.06
N GLN A 158 12.16 8.64 14.58
CA GLN A 158 10.93 8.44 15.34
C GLN A 158 9.99 7.49 14.57
N VAL A 159 9.27 6.64 15.29
CA VAL A 159 8.26 5.78 14.70
C VAL A 159 7.00 6.01 15.50
N GLU A 160 5.91 6.36 14.83
CA GLU A 160 4.73 6.88 15.53
C GLU A 160 3.48 6.25 14.99
N VAL A 161 2.58 5.87 15.88
CA VAL A 161 1.35 5.27 15.44
C VAL A 161 0.28 6.19 15.95
N MET A 162 -0.40 6.89 15.04
CA MET A 162 -1.54 7.70 15.47
C MET A 162 -2.85 6.93 15.33
N THR A 163 -3.85 7.31 16.13
CA THR A 163 -5.19 6.73 16.03
C THR A 163 -6.21 7.85 15.71
N PHE A 164 -7.06 7.63 14.70
CA PHE A 164 -8.20 8.50 14.41
C PHE A 164 -9.41 8.14 15.30
N ALA A 165 -10.08 9.17 15.77
CA ALA A 165 -11.33 9.02 16.49
C ALA A 165 -12.41 8.68 15.46
N GLU A 166 -13.58 8.25 15.94
CA GLU A 166 -14.69 7.97 15.02
C GLU A 166 -14.93 9.13 14.04
N ASP A 167 -14.79 10.37 14.51
CA ASP A 167 -15.09 11.51 13.68
C ASP A 167 -13.94 11.89 12.74
N GLY A 168 -12.88 11.08 12.74
CA GLY A 168 -11.75 11.29 11.87
C GLY A 168 -10.65 12.11 12.50
N GLY A 169 -10.92 12.67 13.69
CA GLY A 169 -9.95 13.49 14.37
C GLY A 169 -8.76 12.71 14.94
N GLY A 170 -7.56 13.29 14.78
CA GLY A 170 -6.35 12.76 15.42
C GLY A 170 -6.47 12.74 16.93
N LYS A 171 -6.46 11.54 17.50
CA LYS A 171 -6.92 11.34 18.87
C LYS A 171 -5.75 10.99 19.82
N GLU A 172 -4.90 10.07 19.38
CA GLU A 172 -3.80 9.56 20.19
C GLU A 172 -2.55 9.44 19.31
N ASN A 173 -1.39 9.45 19.93
CA ASN A 173 -0.14 9.16 19.24
C ASN A 173 0.75 8.34 20.15
N GLN A 174 1.28 7.23 19.63
CA GLN A 174 2.08 6.28 20.42
C GLN A 174 3.45 6.14 19.76
N PHE A 175 4.53 6.40 20.49
CA PHE A 175 5.84 6.21 19.89
C PHE A 175 6.27 4.73 20.04
N LEU A 176 6.96 4.24 19.03
CA LEU A 176 7.47 2.88 18.96
C LEU A 176 8.99 2.96 19.05
N MET A 177 9.56 1.98 19.72
CA MET A 177 10.98 1.95 19.97
C MET A 177 11.74 1.91 18.65
N PRO A 178 12.54 2.93 18.38
CA PRO A 178 13.12 2.98 17.04
C PRO A 178 14.34 2.08 16.94
N PRO A 179 14.49 1.41 15.82
CA PRO A 179 15.69 0.59 15.57
C PRO A 179 16.89 1.45 15.25
N GLU A 180 16.67 2.73 14.98
CA GLU A 180 17.76 3.62 14.57
C GLU A 180 18.36 3.17 13.24
N GLU A 181 17.49 2.56 12.44
CA GLU A 181 17.85 2.22 11.07
C GLU A 181 16.64 2.62 10.25
N THR A 182 16.88 3.39 9.21
CA THR A 182 15.79 4.01 8.49
C THR A 182 14.84 2.93 7.98
N ILE A 183 13.55 3.14 8.23
CA ILE A 183 12.53 2.18 7.84
C ILE A 183 12.21 2.41 6.38
N LEU A 184 12.21 1.35 5.59
CA LEU A 184 11.80 1.46 4.18
C LEU A 184 10.31 1.17 4.00
N THR A 185 9.84 0.09 4.62
CA THR A 185 8.42 -0.24 4.55
C THR A 185 7.87 -0.78 5.87
N PHE A 186 6.57 -0.65 6.07
CA PHE A 186 5.86 -1.29 7.15
C PHE A 186 4.99 -2.43 6.58
N ALA A 187 4.74 -3.47 7.38
CA ALA A 187 3.68 -4.45 7.06
C ALA A 187 3.04 -4.91 8.35
N GLU A 188 1.72 -4.91 8.42
CA GLU A 188 1.07 -5.39 9.62
C GLU A 188 1.08 -6.92 9.52
N VAL A 189 1.50 -7.59 10.59
CA VAL A 189 1.70 -9.04 10.51
C VAL A 189 0.41 -9.78 10.71
N GLN A 190 -0.11 -10.32 9.62
CA GLN A 190 -1.34 -11.09 9.71
C GLN A 190 -1.09 -12.41 10.42
N GLY A 191 -1.94 -12.73 11.40
CA GLY A 191 -1.85 -14.01 12.10
C GLY A 191 -1.02 -13.91 13.37
N MET A 192 -0.64 -12.70 13.74
CA MET A 192 0.12 -12.45 14.96
C MET A 192 -0.57 -11.29 15.65
N GLN A 193 -0.90 -11.42 16.92
CA GLN A 193 -1.69 -10.40 17.59
C GLN A 193 -0.87 -9.11 17.79
N GLU A 194 -1.35 -8.02 17.22
CA GLU A 194 -0.78 -6.70 17.51
C GLU A 194 0.72 -6.63 17.22
N ALA A 195 1.11 -7.13 16.06
CA ALA A 195 2.50 -7.09 15.66
C ALA A 195 2.64 -6.25 14.41
N LEU A 196 3.70 -5.46 14.33
CA LEU A 196 3.98 -4.66 13.15
C LEU A 196 5.37 -5.01 12.69
N LEU A 197 5.54 -5.22 11.38
CA LEU A 197 6.87 -5.46 10.85
C LEU A 197 7.39 -4.22 10.08
N GLY A 198 8.70 -4.02 10.10
CA GLY A 198 9.28 -2.99 9.25
C GLY A 198 10.51 -3.59 8.57
N THR A 199 10.87 -3.06 7.41
CA THR A 199 12.14 -3.38 6.76
C THR A 199 13.03 -2.14 6.86
N THR A 200 14.35 -2.32 7.00
CA THR A 200 15.24 -1.16 7.21
C THR A 200 16.30 -1.13 6.12
N ILE A 201 16.97 0.00 5.96
CA ILE A 201 17.95 0.15 4.87
C ILE A 201 19.15 -0.79 5.04
N MET A 202 19.30 -1.32 6.25
CA MET A 202 20.34 -2.30 6.57
C MET A 202 19.99 -3.75 6.17
N ASN A 203 18.94 -3.92 5.35
CA ASN A 203 18.39 -5.23 5.02
C ASN A 203 17.95 -6.05 6.25
N ASN A 204 17.46 -5.36 7.27
CA ASN A 204 16.90 -6.03 8.43
C ASN A 204 15.39 -5.93 8.40
N ILE A 205 14.75 -6.89 9.08
CA ILE A 205 13.38 -6.71 9.50
C ILE A 205 13.33 -6.50 10.99
N VAL A 206 12.38 -5.68 11.41
CA VAL A 206 12.10 -5.50 12.81
C VAL A 206 10.65 -5.81 13.03
N ILE A 207 10.35 -6.27 14.24
CA ILE A 207 9.00 -6.51 14.66
C ILE A 207 8.74 -5.75 15.92
N TRP A 208 7.66 -4.97 15.91
CA TRP A 208 7.19 -4.30 17.11
C TRP A 208 5.98 -5.00 17.68
N ASN A 209 5.90 -4.97 19.00
CA ASN A 209 4.64 -5.23 19.71
C ASN A 209 3.86 -3.92 19.77
N LEU A 210 2.71 -3.85 19.11
CA LEU A 210 1.92 -2.64 18.96
C LEU A 210 1.24 -2.24 20.27
N LYS A 211 1.12 -3.21 21.17
CA LYS A 211 0.50 -2.97 22.47
C LYS A 211 1.45 -2.17 23.35
N THR A 212 2.70 -2.61 23.39
CA THR A 212 3.68 -2.00 24.27
C THR A 212 4.64 -0.98 23.61
N GLY A 213 4.75 -0.99 22.29
CA GLY A 213 5.69 -0.12 21.59
C GLY A 213 7.08 -0.72 21.50
N GLN A 214 7.33 -1.79 22.26
CA GLN A 214 8.64 -2.39 22.27
C GLN A 214 9.00 -3.08 20.99
N LEU A 215 10.26 -2.97 20.64
CA LEU A 215 10.83 -3.74 19.55
C LEU A 215 11.06 -5.19 20.05
N LEU A 216 10.46 -6.17 19.37
CA LEU A 216 10.53 -7.60 19.76
C LEU A 216 11.76 -8.26 19.19
N LYS A 217 12.07 -7.96 17.94
CA LYS A 217 13.16 -8.64 17.28
C LYS A 217 13.66 -7.85 16.12
N LYS A 218 14.92 -8.05 15.82
CA LYS A 218 15.57 -7.50 14.66
C LYS A 218 16.33 -8.67 14.01
N MET A 219 16.18 -8.82 12.69
CA MET A 219 16.57 -10.02 11.99
C MET A 219 17.20 -9.60 10.67
N HIS A 220 18.41 -10.07 10.38
CA HIS A 220 18.99 -9.83 9.06
C HIS A 220 18.45 -10.78 8.01
N ILE A 221 18.10 -10.24 6.86
CA ILE A 221 17.71 -11.05 5.74
C ILE A 221 18.94 -11.22 4.87
N ASP A 222 19.32 -12.46 4.59
CA ASP A 222 20.53 -12.69 3.80
C ASP A 222 20.64 -11.66 2.68
N ASP A 223 21.64 -10.80 2.76
CA ASP A 223 21.86 -9.76 1.77
C ASP A 223 22.26 -10.36 0.41
N ALA A 227 16.32 -7.40 -0.92
CA ALA A 227 15.02 -6.79 -0.69
C ALA A 227 14.70 -6.67 0.82
N SER A 228 14.27 -5.51 1.34
CA SER A 228 13.94 -4.22 0.69
C SER A 228 12.46 -3.81 0.94
N VAL A 229 11.58 -3.99 -0.02
CA VAL A 229 10.18 -3.60 0.17
C VAL A 229 9.28 -4.81 0.46
N CYS A 230 8.56 -4.76 1.58
CA CYS A 230 7.70 -5.86 1.98
C CYS A 230 6.23 -5.53 1.66
N HIS A 231 5.64 -6.33 0.77
CA HIS A 231 4.27 -6.12 0.32
C HIS A 231 3.27 -6.78 1.22
N LYS A 232 3.76 -7.66 2.09
CA LYS A 232 2.88 -8.46 2.90
C LYS A 232 3.73 -9.31 3.87
N ALA A 233 3.22 -9.46 5.08
CA ALA A 233 3.85 -10.28 6.10
C ALA A 233 2.77 -11.12 6.75
N TYR A 234 3.04 -12.42 6.90
CA TYR A 234 2.12 -13.40 7.49
C TYR A 234 2.87 -14.14 8.62
N SER A 235 2.14 -14.63 9.62
CA SER A 235 2.75 -15.49 10.62
C SER A 235 1.94 -16.79 10.83
N GLU A 236 2.61 -17.93 10.86
CA GLU A 236 1.95 -19.21 11.17
C GLU A 236 2.96 -20.20 11.72
N MET A 237 2.65 -20.83 12.84
CA MET A 237 3.52 -21.87 13.40
C MET A 237 4.87 -21.35 13.82
N GLY A 238 4.91 -20.15 14.38
CA GLY A 238 6.17 -19.59 14.84
C GLY A 238 6.98 -19.06 13.69
N LEU A 239 6.52 -19.33 12.46
CA LEU A 239 7.21 -18.85 11.28
C LEU A 239 6.66 -17.53 10.75
N LEU A 240 7.57 -16.73 10.20
CA LEU A 240 7.26 -15.47 9.57
C LEU A 240 7.33 -15.64 8.06
N PHE A 241 6.29 -15.19 7.37
CA PHE A 241 6.26 -15.25 5.91
C PHE A 241 6.19 -13.82 5.37
N ILE A 242 7.20 -13.42 4.60
CA ILE A 242 7.24 -12.07 4.09
C ILE A 242 7.37 -12.05 2.56
N VAL A 243 6.49 -11.30 1.92
CA VAL A 243 6.58 -11.16 0.50
C VAL A 243 7.25 -9.87 0.07
N LEU A 244 8.26 -10.09 -0.73
CA LEU A 244 9.25 -9.10 -1.04
C LEU A 244 9.32 -8.90 -2.56
N SER A 245 9.59 -7.65 -2.97
CA SER A 245 9.92 -7.32 -4.36
C SER A 245 11.30 -6.64 -4.41
N PRO A 258 11.75 -13.59 -11.63
CA PRO A 258 11.65 -13.46 -10.16
C PRO A 258 11.05 -12.11 -9.73
N VAL A 259 9.81 -11.86 -10.16
CA VAL A 259 9.13 -10.61 -9.82
C VAL A 259 8.90 -10.46 -8.32
N PHE A 260 8.26 -11.45 -7.70
CA PHE A 260 8.07 -11.45 -6.26
C PHE A 260 8.85 -12.58 -5.61
N GLN A 261 9.12 -12.47 -4.31
CA GLN A 261 9.80 -13.56 -3.63
C GLN A 261 9.19 -13.76 -2.23
N LEU A 262 8.96 -15.01 -1.82
CA LEU A 262 8.48 -15.24 -0.47
C LEU A 262 9.56 -15.87 0.39
N ILE A 263 9.93 -15.17 1.43
CA ILE A 263 10.90 -15.68 2.38
C ILE A 263 10.23 -16.13 3.66
N VAL A 264 10.67 -17.28 4.18
CA VAL A 264 10.14 -17.81 5.41
C VAL A 264 11.23 -17.78 6.46
N ILE A 265 10.93 -17.13 7.59
CA ILE A 265 11.92 -16.90 8.62
C ILE A 265 11.50 -17.53 9.96
N ASN A 266 12.46 -18.17 10.60
CA ASN A 266 12.32 -18.65 11.96
C ASN A 266 12.86 -17.60 12.91
N PRO A 267 11.96 -16.85 13.57
CA PRO A 267 12.28 -15.72 14.46
C PRO A 267 13.12 -16.17 15.65
N LYS A 268 13.02 -17.45 16.01
CA LYS A 268 13.73 -18.00 17.15
C LYS A 268 15.20 -18.29 16.80
N THR A 269 15.44 -18.80 15.59
CA THR A 269 16.80 -19.10 15.16
C THR A 269 17.35 -18.02 14.24
N THR A 270 16.46 -17.14 13.78
CA THR A 270 16.83 -16.05 12.88
C THR A 270 17.24 -16.58 11.49
N LEU A 271 16.97 -17.86 11.25
CA LEU A 271 17.41 -18.50 10.03
C LEU A 271 16.33 -18.42 8.96
N SER A 272 16.70 -17.90 7.80
CA SER A 272 15.72 -17.55 6.77
C SER A 272 16.12 -18.01 5.37
N VAL A 273 15.16 -18.54 4.64
CA VAL A 273 15.41 -18.99 3.28
C VAL A 273 14.29 -18.52 2.36
N GLY A 274 14.66 -18.19 1.13
CA GLY A 274 13.70 -18.00 0.07
C GLY A 274 13.04 -19.34 -0.11
N VAL A 275 11.73 -19.37 -0.29
CA VAL A 275 11.09 -20.65 -0.40
C VAL A 275 9.98 -20.60 -1.43
N MET A 276 9.73 -19.40 -1.96
CA MET A 276 8.89 -19.27 -3.14
C MET A 276 9.46 -18.17 -4.05
N LEU A 277 9.63 -18.48 -5.33
CA LEU A 277 10.01 -17.49 -6.33
C LEU A 277 8.86 -17.33 -7.29
N TYR A 278 8.36 -16.11 -7.46
CA TYR A 278 7.28 -15.87 -8.39
C TYR A 278 7.84 -15.23 -9.64
N CYS A 279 7.78 -16.00 -10.73
CA CYS A 279 8.48 -15.62 -11.95
C CYS A 279 7.50 -15.52 -13.12
N LEU A 280 7.86 -14.70 -14.10
CA LEU A 280 7.05 -14.52 -15.31
C LEU A 280 7.10 -15.75 -16.17
N PRO A 281 6.00 -16.03 -16.88
CA PRO A 281 5.80 -17.16 -17.81
C PRO A 281 6.86 -17.24 -18.93
N PRO A 282 6.95 -18.42 -19.57
CA PRO A 282 7.90 -18.65 -20.67
C PRO A 282 7.92 -17.48 -21.64
N GLY A 283 9.06 -16.78 -21.73
CA GLY A 283 9.22 -15.69 -22.68
C GLY A 283 8.35 -14.46 -22.44
N GLN A 284 8.53 -13.83 -21.27
CA GLN A 284 7.78 -12.64 -20.91
C GLN A 284 8.72 -11.63 -20.28
N ALA A 285 8.80 -10.43 -20.84
CA ALA A 285 9.61 -9.39 -20.22
C ALA A 285 8.67 -8.47 -19.42
N GLY A 286 9.17 -7.80 -18.39
CA GLY A 286 10.54 -7.92 -17.92
C GLY A 286 10.66 -7.91 -16.39
N ARG A 287 10.85 -6.73 -15.81
CA ARG A 287 11.15 -6.65 -14.38
C ARG A 287 10.11 -5.90 -13.54
N PHE A 288 10.06 -6.23 -12.25
CA PHE A 288 9.17 -5.57 -11.31
C PHE A 288 9.32 -4.05 -11.32
N LEU A 289 8.21 -3.34 -11.34
CA LEU A 289 8.24 -1.90 -11.26
C LEU A 289 7.46 -1.42 -10.02
N GLU A 290 6.23 -1.89 -9.88
CA GLU A 290 5.47 -1.67 -8.67
C GLU A 290 4.42 -2.76 -8.55
N GLY A 291 3.87 -2.93 -7.36
CA GLY A 291 2.99 -4.03 -7.11
C GLY A 291 2.19 -3.88 -5.84
N ASP A 292 1.30 -4.84 -5.63
CA ASP A 292 0.37 -4.78 -4.54
C ASP A 292 -0.05 -6.20 -4.21
N VAL A 293 -0.18 -6.51 -2.92
CA VAL A 293 -0.80 -7.77 -2.54
C VAL A 293 -1.99 -7.69 -1.60
N LYS A 294 -2.94 -8.57 -1.83
CA LYS A 294 -4.13 -8.67 -0.98
C LYS A 294 -4.40 -10.15 -0.73
N ASP A 295 -4.58 -10.54 0.53
CA ASP A 295 -4.80 -11.95 0.81
C ASP A 295 -3.59 -12.72 0.27
N HIS A 296 -3.84 -13.62 -0.67
CA HIS A 296 -2.73 -14.40 -1.19
C HIS A 296 -2.57 -14.25 -2.70
N CYS A 297 -2.96 -13.07 -3.21
CA CYS A 297 -2.64 -12.72 -4.59
C CYS A 297 -1.76 -11.48 -4.72
N ALA A 298 -0.77 -11.58 -5.60
CA ALA A 298 0.14 -10.48 -5.87
C ALA A 298 -0.03 -9.99 -7.30
N ALA A 299 -0.01 -8.69 -7.47
CA ALA A 299 -0.14 -8.09 -8.79
C ALA A 299 1.05 -7.18 -8.92
N ALA A 300 1.66 -7.17 -10.10
CA ALA A 300 2.84 -6.32 -10.35
C ALA A 300 2.72 -5.62 -11.69
N ILE A 301 3.19 -4.39 -11.77
CA ILE A 301 3.45 -3.77 -13.06
C ILE A 301 4.91 -4.00 -13.39
N LEU A 302 5.14 -4.53 -14.60
CA LEU A 302 6.49 -4.80 -15.07
C LEU A 302 7.00 -3.65 -15.93
N THR A 303 8.31 -3.46 -15.92
CA THR A 303 8.97 -2.41 -16.70
C THR A 303 8.60 -2.47 -18.17
N SER A 304 8.28 -3.66 -18.65
CA SER A 304 7.77 -3.84 -19.99
C SER A 304 6.52 -3.00 -20.21
N GLY A 305 5.61 -3.02 -19.23
CA GLY A 305 4.34 -2.32 -19.32
C GLY A 305 3.13 -3.20 -19.05
N THR A 306 3.33 -4.52 -19.00
CA THR A 306 2.25 -5.46 -18.70
C THR A 306 2.04 -5.67 -17.20
N ILE A 307 0.82 -6.04 -16.82
CA ILE A 307 0.51 -6.41 -15.45
C ILE A 307 0.48 -7.94 -15.32
N ALA A 308 1.17 -8.47 -14.31
CA ALA A 308 1.13 -9.91 -14.02
C ALA A 308 0.59 -10.18 -12.62
N ILE A 309 -0.24 -11.20 -12.50
CA ILE A 309 -0.84 -11.63 -11.25
C ILE A 309 -0.40 -13.04 -10.86
N TRP A 310 -0.12 -13.24 -9.57
CA TRP A 310 0.17 -14.57 -9.04
C TRP A 310 -0.71 -14.96 -7.87
N ASP A 311 -0.92 -16.27 -7.72
CA ASP A 311 -1.49 -16.82 -6.50
C ASP A 311 -0.31 -17.22 -5.65
N LEU A 312 -0.18 -16.56 -4.51
CA LEU A 312 0.97 -16.74 -3.65
C LEU A 312 1.05 -18.18 -3.11
N LEU A 313 -0.12 -18.80 -2.89
CA LEU A 313 -0.17 -20.21 -2.49
C LEU A 313 0.11 -21.15 -3.65
N LEU A 314 -0.61 -20.95 -4.75
CA LEU A 314 -0.52 -21.80 -5.92
C LEU A 314 0.84 -21.66 -6.61
N GLY A 315 1.55 -20.59 -6.33
CA GLY A 315 2.88 -20.39 -6.89
C GLY A 315 2.87 -19.92 -8.32
N GLN A 316 1.70 -19.88 -8.93
CA GLN A 316 1.63 -19.69 -10.37
C GLN A 316 1.15 -18.32 -10.81
N CYS A 317 1.72 -17.84 -11.92
CA CYS A 317 1.26 -16.64 -12.60
C CYS A 317 -0.12 -16.86 -13.23
N THR A 318 -1.17 -16.38 -12.56
CA THR A 318 -2.54 -16.66 -12.98
C THR A 318 -3.11 -15.67 -14.00
N ALA A 319 -2.31 -14.73 -14.48
CA ALA A 319 -2.82 -13.77 -15.46
C ALA A 319 -1.77 -12.77 -15.93
N LEU A 320 -1.84 -12.45 -17.21
CA LEU A 320 -1.09 -11.35 -17.80
C LEU A 320 -2.11 -10.33 -18.30
N LEU A 321 -1.86 -9.06 -18.01
CA LEU A 321 -2.75 -7.99 -18.47
C LEU A 321 -1.93 -7.00 -19.27
N PRO A 322 -2.01 -7.10 -20.61
CA PRO A 322 -1.27 -6.17 -21.46
C PRO A 322 -1.98 -4.82 -21.45
N PRO A 323 -1.28 -3.76 -21.82
CA PRO A 323 -1.84 -2.40 -21.87
C PRO A 323 -3.05 -2.29 -22.80
N VAL A 324 -3.99 -1.41 -22.45
CA VAL A 324 -5.17 -1.17 -23.28
C VAL A 324 -5.12 0.20 -23.99
N GLN A 327 -2.15 3.54 -23.37
CA GLN A 327 -0.72 3.55 -23.03
C GLN A 327 -0.37 2.52 -21.94
N HIS A 328 0.89 2.54 -21.49
CA HIS A 328 1.35 1.60 -20.45
C HIS A 328 0.57 1.70 -19.13
N TRP A 329 0.44 0.57 -18.42
CA TRP A 329 -0.09 0.57 -17.06
C TRP A 329 0.85 1.33 -16.16
N SER A 330 0.30 2.28 -15.39
CA SER A 330 1.11 3.12 -14.51
C SER A 330 1.14 2.67 -13.02
N PHE A 331 0.01 2.17 -12.53
CA PHE A 331 -0.04 1.59 -11.17
C PHE A 331 -1.11 0.52 -11.12
N VAL A 332 -0.99 -0.36 -10.13
CA VAL A 332 -1.97 -1.40 -9.89
C VAL A 332 -2.30 -1.47 -8.40
N LYS A 333 -3.57 -1.63 -8.05
CA LYS A 333 -3.97 -1.75 -6.65
C LYS A 333 -5.14 -2.74 -6.54
N TRP A 334 -5.09 -3.65 -5.56
CA TRP A 334 -6.24 -4.49 -5.29
C TRP A 334 -7.30 -3.66 -4.60
N SER A 335 -8.58 -3.93 -4.87
CA SER A 335 -9.67 -3.24 -4.17
C SER A 335 -9.80 -3.69 -2.71
N GLY A 336 -10.08 -2.72 -1.83
CA GLY A 336 -10.18 -3.02 -0.40
C GLY A 336 -11.62 -3.31 -0.03
N THR A 337 -12.51 -3.26 -1.02
CA THR A 337 -13.92 -3.47 -0.81
C THR A 337 -14.38 -4.84 -1.36
N ASP A 338 -13.78 -5.27 -2.46
CA ASP A 338 -14.18 -6.54 -3.04
C ASP A 338 -13.09 -7.19 -3.87
N SER A 339 -13.49 -8.21 -4.62
CA SER A 339 -12.50 -8.97 -5.35
C SER A 339 -12.25 -8.37 -6.74
N HIS A 340 -11.78 -7.11 -6.75
CA HIS A 340 -11.42 -6.42 -7.98
C HIS A 340 -9.97 -5.98 -8.02
N LEU A 341 -9.38 -5.96 -9.22
CA LEU A 341 -8.09 -5.37 -9.45
C LEU A 341 -8.33 -4.01 -10.10
N LEU A 342 -7.59 -2.99 -9.65
CA LEU A 342 -7.67 -1.63 -10.21
C LEU A 342 -6.38 -1.32 -10.98
N ALA A 343 -6.48 -1.08 -12.28
CA ALA A 343 -5.29 -0.74 -13.06
C ALA A 343 -5.40 0.63 -13.68
N GLY A 344 -4.37 1.45 -13.48
CA GLY A 344 -4.47 2.84 -13.89
C GLY A 344 -3.37 3.21 -14.85
N GLN A 345 -3.66 4.19 -15.71
CA GLN A 345 -2.65 4.78 -16.59
C GLN A 345 -2.39 6.21 -16.14
N LYS A 346 -1.24 6.76 -16.54
CA LYS A 346 -0.86 8.12 -16.19
C LYS A 346 -1.83 9.22 -16.65
N ASP A 347 -2.53 8.99 -17.77
CA ASP A 347 -3.51 9.94 -18.30
C ASP A 347 -4.85 9.91 -17.54
N GLY A 348 -4.90 9.16 -16.44
CA GLY A 348 -6.02 9.26 -15.53
C GLY A 348 -7.02 8.14 -15.57
N ASN A 349 -6.99 7.32 -16.62
CA ASN A 349 -7.94 6.24 -16.75
C ASN A 349 -7.65 5.02 -15.85
N ILE A 350 -8.69 4.59 -15.13
CA ILE A 350 -8.65 3.41 -14.29
C ILE A 350 -9.55 2.33 -14.89
N PHE A 351 -9.00 1.13 -15.02
CA PHE A 351 -9.78 -0.03 -15.44
C PHE A 351 -9.94 -1.01 -14.30
N VAL A 352 -11.17 -1.47 -14.09
CA VAL A 352 -11.47 -2.34 -12.98
C VAL A 352 -11.78 -3.75 -13.45
N TYR A 353 -10.97 -4.71 -12.99
CA TYR A 353 -11.14 -6.15 -13.32
C TYR A 353 -11.67 -7.01 -12.17
N HIS A 354 -12.65 -7.85 -12.47
CA HIS A 354 -13.05 -8.84 -11.49
C HIS A 354 -12.00 -9.95 -11.47
N TYR A 355 -11.57 -10.34 -10.28
CA TYR A 355 -10.62 -11.44 -10.19
C TYR A 355 -11.32 -12.68 -9.66
N SER A 356 -11.15 -13.79 -10.36
CA SER A 356 -11.79 -15.04 -9.98
C SER A 356 -10.76 -16.09 -9.59
C1 GOL B . -15.34 -2.17 -7.71
O1 GOL B . -16.76 -2.15 -7.82
C2 GOL B . -14.96 -1.87 -6.25
O2 GOL B . -13.57 -2.12 -6.13
C3 GOL B . -15.27 -0.39 -5.99
O3 GOL B . -14.88 0.07 -4.71
C1 GOL C . 3.50 -1.43 1.81
O1 GOL C . 2.14 -1.80 1.60
C2 GOL C . 3.72 0.02 2.24
O2 GOL C . 4.04 0.79 1.10
C3 GOL C . 4.98 0.01 3.12
O3 GOL C . 5.05 1.08 4.06
C1 GOL D . -18.70 9.29 -21.71
O1 GOL D . -19.69 9.90 -20.90
C2 GOL D . -18.58 7.84 -21.26
O2 GOL D . -19.54 7.58 -20.24
C3 GOL D . -18.85 6.92 -22.44
O3 GOL D . -17.65 6.56 -23.08
C1 GOL E . 0.10 19.78 13.76
O1 GOL E . -0.90 18.92 14.32
C2 GOL E . 1.30 19.00 13.20
O2 GOL E . 1.26 17.62 13.48
C3 GOL E . 1.40 19.16 11.69
O3 GOL E . 2.72 18.83 11.29
C1 GOL F . -9.63 -9.61 -3.53
O1 GOL F . -10.72 -9.60 -2.62
C2 GOL F . -9.41 -11.01 -4.08
O2 GOL F . -8.44 -10.98 -5.13
C3 GOL F . -8.88 -11.90 -2.94
O3 GOL F . -7.61 -11.42 -2.57
#